data_5QQG
#
_entry.id   5QQG
#
_cell.length_a   62.785
_cell.length_b   62.785
_cell.length_c   344.573
_cell.angle_alpha   90.000
_cell.angle_beta   90.000
_cell.angle_gamma   120.000
#
_symmetry.space_group_name_H-M   'P 65 2 2'
#
loop_
_entity.id
_entity.type
_entity.pdbx_description
1 polymer 'Ras-related C3 botulinum toxin substrate 1'
2 polymer Kalirin
3 non-polymer 1,2-ETHANEDIOL
4 non-polymer "N-(5-methyl-1,2-oxazol-3-yl)-N'-[3-(4-phenylpiperazin-1-yl)propyl]urea"
5 water water
#
loop_
_entity_poly.entity_id
_entity_poly.type
_entity_poly.pdbx_seq_one_letter_code
_entity_poly.pdbx_strand_id
1 'polypeptide(L)'
;SMQAIKCVVVGDGAVGKTCLLISYTTNAFPGEYIPTVFDNYSANVMVDGKPVNLGLWDTAGQEDYDRLRPLSYPQTDVFL
ICFSLVSPASFENVRAKWYPEVRHHCPNTPIILVGTKLDLRDDKDTIEKLKEKKLTPITYPQGLAMAKEIGAVKYLECSA
LTQRGLKTVFDEAIRAVL
;
A
2 'polypeptide(L)'
;SMRKKEFIMAELLQTEKAYVRDLHECLETYLWEMTSGVEEIPPGILNKEHIIFGNIQEIYDFHNNIFLKELEKYEQLPED
VGHCFVTWADKFQMYVTYCKNKPDSNQLILEHAGTFFDEIQQRHGLANSISSYLIKPVQRVTKYQLLLKELLTCCEEGKG
ELKDGLEVMLSVPKKANDAMHV
;
B
#
# COMPACT_ATOMS: atom_id res chain seq x y z
N MET A 2 -12.40 20.96 6.39
CA MET A 2 -12.32 19.78 7.32
C MET A 2 -10.98 19.04 7.17
N GLN A 3 -10.41 18.61 8.30
CA GLN A 3 -9.03 18.12 8.38
C GLN A 3 -8.76 16.76 7.69
N ALA A 4 -7.76 16.76 6.81
CA ALA A 4 -7.38 15.62 5.97
C ALA A 4 -6.19 14.92 6.61
N ILE A 5 -6.30 13.60 6.83
CA ILE A 5 -5.25 12.87 7.55
C ILE A 5 -4.70 11.72 6.75
N LYS A 6 -3.41 11.76 6.48
CA LYS A 6 -2.77 10.70 5.74
C LYS A 6 -2.19 9.73 6.76
N CYS A 7 -2.66 8.47 6.73
CA CYS A 7 -2.17 7.40 7.65
C CYS A 7 -1.61 6.23 6.87
N VAL A 8 -0.33 5.98 7.08
CA VAL A 8 0.39 4.91 6.40
C VAL A 8 0.68 3.79 7.38
N VAL A 9 0.42 2.56 6.93
CA VAL A 9 0.52 1.33 7.71
C VAL A 9 1.70 0.54 7.19
N VAL A 10 2.71 0.39 8.05
CA VAL A 10 3.97 -0.26 7.72
C VAL A 10 4.19 -1.44 8.66
N GLY A 11 5.15 -2.29 8.31
CA GLY A 11 5.39 -3.52 9.05
C GLY A 11 5.53 -4.72 8.14
N ASP A 12 6.06 -5.81 8.69
CA ASP A 12 6.27 -7.07 7.98
C ASP A 12 5.01 -7.65 7.35
N GLY A 13 5.15 -8.48 6.32
CA GLY A 13 4.01 -9.24 5.78
C GLY A 13 3.25 -10.02 6.85
N ALA A 14 4.00 -10.56 7.82
CA ALA A 14 3.39 -11.32 8.92
C ALA A 14 2.37 -10.58 9.81
N VAL A 15 2.35 -9.24 9.80
CA VAL A 15 1.33 -8.48 10.54
C VAL A 15 -0.10 -8.61 9.94
N GLY A 16 -0.21 -8.82 8.63
CA GLY A 16 -1.54 -8.87 7.96
C GLY A 16 -2.13 -7.47 7.78
N LYS A 17 -1.28 -6.58 7.29
CA LYS A 17 -1.61 -5.17 7.07
C LYS A 17 -2.90 -5.08 6.28
N THR A 18 -2.94 -5.82 5.18
CA THR A 18 -4.06 -5.75 4.27
C THR A 18 -5.32 -6.17 4.91
N CYS A 19 -5.27 -7.29 5.59
CA CYS A 19 -6.38 -7.81 6.34
C CYS A 19 -6.88 -6.84 7.42
N LEU A 20 -5.93 -6.22 8.11
CA LEU A 20 -6.24 -5.28 9.20
C LEU A 20 -7.07 -4.11 8.70
N LEU A 21 -6.63 -3.55 7.58
CA LEU A 21 -7.27 -2.37 7.00
C LEU A 21 -8.61 -2.73 6.41
N ILE A 22 -8.69 -3.93 5.84
CA ILE A 22 -9.94 -4.36 5.24
C ILE A 22 -10.91 -4.58 6.34
N SER A 23 -10.46 -5.21 7.41
CA SER A 23 -11.37 -5.54 8.49
C SER A 23 -11.77 -4.30 9.23
N TYR A 24 -10.85 -3.34 9.38
CA TYR A 24 -11.25 -2.01 9.92
C TYR A 24 -12.36 -1.35 9.07
N THR A 25 -12.12 -1.19 7.78
CA THR A 25 -13.01 -0.39 6.91
C THR A 25 -14.35 -1.02 6.62
N THR A 26 -14.37 -2.33 6.54
CA THR A 26 -15.59 -3.05 6.32
C THR A 26 -16.28 -3.48 7.61
N ASN A 27 -15.67 -3.23 8.78
CA ASN A 27 -16.21 -3.66 10.09
C ASN A 27 -16.40 -5.18 10.21
N ALA A 28 -15.47 -5.94 9.65
CA ALA A 28 -15.61 -7.41 9.62
C ALA A 28 -14.37 -8.04 9.03
N PHE A 29 -13.90 -9.12 9.65
CA PHE A 29 -12.84 -9.95 9.12
C PHE A 29 -13.26 -10.45 7.74
N PRO A 30 -12.34 -10.43 6.75
CA PRO A 30 -12.80 -10.70 5.35
C PRO A 30 -13.20 -12.15 5.07
N GLY A 31 -12.75 -13.09 5.90
CA GLY A 31 -13.41 -14.38 6.11
C GLY A 31 -12.83 -15.47 5.24
N GLU A 32 -13.66 -16.00 4.36
CA GLU A 32 -13.24 -17.00 3.36
C GLU A 32 -11.86 -16.67 2.74
N TYR A 33 -11.84 -15.64 1.89
CA TYR A 33 -10.67 -15.23 1.11
C TYR A 33 -10.12 -13.94 1.71
N ILE A 34 -8.81 -13.87 1.99
CA ILE A 34 -8.14 -12.60 2.36
C ILE A 34 -7.55 -11.92 1.11
N PRO A 35 -8.13 -10.76 0.70
CA PRO A 35 -7.66 -10.07 -0.51
C PRO A 35 -6.24 -9.55 -0.37
N THR A 36 -5.48 -9.56 -1.46
CA THR A 36 -4.15 -9.02 -1.39
C THR A 36 -4.17 -7.47 -1.60
N VAL A 37 -5.29 -6.90 -2.01
CA VAL A 37 -5.28 -5.51 -2.44
C VAL A 37 -6.21 -4.67 -1.58
N PHE A 38 -5.64 -3.68 -0.92
CA PHE A 38 -6.41 -2.61 -0.28
C PHE A 38 -5.97 -1.29 -0.90
N ASP A 39 -6.86 -0.67 -1.66
CA ASP A 39 -6.51 0.57 -2.35
C ASP A 39 -6.70 1.73 -1.40
N ASN A 40 -5.88 2.77 -1.59
CA ASN A 40 -5.88 3.96 -0.74
C ASN A 40 -7.29 4.39 -0.43
N TYR A 41 -7.56 4.68 0.84
CA TYR A 41 -8.94 4.85 1.32
C TYR A 41 -9.07 6.21 1.98
N SER A 42 -10.27 6.76 1.95
CA SER A 42 -10.56 7.90 2.78
C SER A 42 -11.99 7.83 3.24
N ALA A 43 -12.20 8.09 4.51
CA ALA A 43 -13.58 8.22 4.98
C ALA A 43 -13.64 9.12 6.18
N ASN A 44 -14.87 9.62 6.42
CA ASN A 44 -15.18 10.50 7.52
C ASN A 44 -15.34 9.69 8.80
N VAL A 45 -14.71 10.15 9.87
CA VAL A 45 -15.02 9.69 11.23
C VAL A 45 -14.97 10.87 12.22
N MET A 46 -15.87 10.85 13.20
CA MET A 46 -15.86 11.81 14.31
C MET A 46 -15.14 11.13 15.45
N VAL A 47 -14.24 11.89 16.04
CA VAL A 47 -13.38 11.46 17.11
C VAL A 47 -13.39 12.61 18.13
N ASP A 48 -13.83 12.30 19.36
CA ASP A 48 -14.01 13.32 20.41
C ASP A 48 -14.89 14.46 19.90
N GLY A 49 -15.94 14.11 19.15
CA GLY A 49 -16.85 15.10 18.58
C GLY A 49 -16.38 15.93 17.40
N LYS A 50 -15.08 15.96 17.07
CA LYS A 50 -14.57 16.66 15.89
C LYS A 50 -14.55 15.69 14.71
N PRO A 51 -15.39 15.94 13.67
CA PRO A 51 -15.29 15.11 12.45
C PRO A 51 -14.00 15.30 11.63
N VAL A 52 -13.51 14.19 11.08
CA VAL A 52 -12.21 14.14 10.37
C VAL A 52 -12.31 13.25 9.12
N ASN A 53 -11.55 13.60 8.07
CA ASN A 53 -11.39 12.73 6.92
C ASN A 53 -10.09 11.99 7.06
N LEU A 54 -10.21 10.67 7.16
CA LEU A 54 -9.08 9.78 7.47
C LEU A 54 -8.61 9.07 6.23
N GLY A 55 -7.37 9.33 5.81
CA GLY A 55 -6.74 8.65 4.67
C GLY A 55 -5.94 7.45 5.14
N LEU A 56 -6.10 6.29 4.48
CA LEU A 56 -5.37 5.04 4.79
C LEU A 56 -4.64 4.50 3.58
N TRP A 57 -3.32 4.32 3.70
CA TRP A 57 -2.52 3.75 2.63
C TRP A 57 -1.91 2.44 3.14
N ASP A 58 -2.19 1.35 2.43
CA ASP A 58 -1.51 0.06 2.63
C ASP A 58 -0.11 0.13 2.04
N THR A 59 0.78 -0.76 2.47
CA THR A 59 2.14 -0.83 1.93
C THR A 59 2.54 -2.27 1.58
N ALA A 60 1.59 -3.20 1.63
CA ALA A 60 1.90 -4.62 1.37
C ALA A 60 2.43 -4.83 -0.06
N GLY A 61 3.39 -5.74 -0.21
CA GLY A 61 4.08 -5.94 -1.50
C GLY A 61 5.40 -5.20 -1.55
N GLN A 62 5.55 -4.16 -0.75
CA GLN A 62 6.75 -3.34 -0.87
C GLN A 62 7.84 -3.74 0.13
N GLU A 63 7.65 -4.88 0.81
CA GLU A 63 8.52 -5.26 1.94
C GLU A 63 9.94 -5.58 1.50
N ASP A 64 10.16 -5.98 0.26
CA ASP A 64 11.52 -6.23 -0.18
C ASP A 64 12.14 -5.07 -0.97
N TYR A 65 11.48 -3.91 -1.05
CA TYR A 65 12.00 -2.80 -1.88
C TYR A 65 12.29 -1.58 -1.01
N ASP A 66 13.47 -1.60 -0.40
CA ASP A 66 13.86 -0.59 0.60
C ASP A 66 13.84 0.86 0.10
N ARG A 67 14.15 1.09 -1.18
CA ARG A 67 14.00 2.42 -1.84
C ARG A 67 12.65 2.76 -2.46
N LEU A 68 11.73 1.80 -2.59
CA LEU A 68 10.36 2.11 -3.08
C LEU A 68 9.40 2.46 -1.97
N ARG A 69 9.59 1.88 -0.79
CA ARG A 69 8.68 2.13 0.34
C ARG A 69 8.60 3.58 0.76
N PRO A 70 9.75 4.27 0.80
CA PRO A 70 9.72 5.67 1.23
C PRO A 70 8.98 6.62 0.29
N LEU A 71 8.65 6.20 -0.93
CA LEU A 71 7.84 7.02 -1.82
C LEU A 71 6.50 7.34 -1.19
N SER A 72 5.96 6.41 -0.41
CA SER A 72 4.73 6.71 0.33
C SER A 72 4.93 7.57 1.60
N TYR A 73 6.15 7.75 2.09
CA TYR A 73 6.32 8.34 3.42
C TYR A 73 6.07 9.86 3.51
N PRO A 74 6.46 10.66 2.50
CA PRO A 74 6.34 12.10 2.69
C PRO A 74 4.93 12.60 2.90
N GLN A 75 4.81 13.65 3.71
CA GLN A 75 3.53 14.29 4.04
C GLN A 75 2.56 13.38 4.81
N THR A 76 3.08 12.36 5.46
CA THR A 76 2.22 11.48 6.25
C THR A 76 1.94 12.18 7.56
N ASP A 77 0.70 12.16 8.01
CA ASP A 77 0.33 12.73 9.31
C ASP A 77 0.53 11.78 10.51
N VAL A 78 0.47 10.46 10.29
CA VAL A 78 0.75 9.46 11.35
C VAL A 78 1.03 8.06 10.78
N PHE A 79 1.95 7.38 11.43
CA PHE A 79 2.29 6.03 11.09
C PHE A 79 1.74 5.01 12.07
N LEU A 80 1.19 3.92 11.52
CA LEU A 80 1.03 2.69 12.25
C LEU A 80 2.20 1.79 11.92
N ILE A 81 3.11 1.60 12.86
CA ILE A 81 4.13 0.56 12.76
C ILE A 81 3.62 -0.70 13.45
N CYS A 82 3.63 -1.80 12.69
CA CYS A 82 2.95 -2.99 13.09
C CYS A 82 3.89 -4.15 13.23
N PHE A 83 3.53 -5.07 14.11
CA PHE A 83 4.11 -6.40 14.17
C PHE A 83 2.98 -7.33 14.58
N SER A 84 3.13 -8.59 14.24
CA SER A 84 2.23 -9.63 14.71
C SER A 84 2.68 -10.04 16.11
N LEU A 85 1.74 -10.06 17.04
CA LEU A 85 1.98 -10.56 18.41
C LEU A 85 2.45 -12.02 18.54
N VAL A 86 2.30 -12.80 17.47
CA VAL A 86 2.79 -14.17 17.44
C VAL A 86 3.90 -14.37 16.39
N SER A 87 4.65 -13.30 16.09
CA SER A 87 5.95 -13.40 15.38
C SER A 87 6.95 -12.50 16.05
N PRO A 88 7.76 -13.06 16.95
CA PRO A 88 8.91 -12.33 17.48
C PRO A 88 9.82 -11.66 16.42
N ALA A 89 9.91 -12.25 15.23
CA ALA A 89 10.69 -11.67 14.15
C ALA A 89 10.14 -10.32 13.68
N SER A 90 8.82 -10.25 13.46
CA SER A 90 8.17 -8.99 13.07
C SER A 90 8.36 -7.91 14.16
N PHE A 91 8.33 -8.36 15.41
CA PHE A 91 8.50 -7.46 16.55
C PHE A 91 9.95 -6.95 16.55
N GLU A 92 10.93 -7.85 16.48
CA GLU A 92 12.31 -7.39 16.31
C GLU A 92 12.50 -6.44 15.12
N ASN A 93 11.79 -6.70 14.02
CA ASN A 93 11.89 -5.84 12.84
C ASN A 93 11.36 -4.45 13.05
N VAL A 94 10.55 -4.23 14.09
CA VAL A 94 10.12 -2.87 14.44
C VAL A 94 11.34 -1.99 14.72
N ARG A 95 12.25 -2.54 15.49
CA ARG A 95 13.46 -1.90 15.88
C ARG A 95 14.43 -1.92 14.70
N ALA A 96 14.58 -3.08 14.07
CA ALA A 96 15.67 -3.25 13.11
C ALA A 96 15.45 -2.55 11.78
N LYS A 97 14.19 -2.47 11.33
CA LYS A 97 13.85 -2.06 9.97
C LYS A 97 12.89 -0.87 9.91
N TRP A 98 11.76 -0.94 10.64
CA TRP A 98 10.64 -0.03 10.38
C TRP A 98 10.79 1.29 11.05
N TYR A 99 11.18 1.29 12.31
CA TYR A 99 11.33 2.57 12.99
C TYR A 99 12.48 3.43 12.41
N PRO A 100 13.66 2.82 12.16
CA PRO A 100 14.75 3.54 11.50
C PRO A 100 14.35 4.27 10.22
N GLU A 101 13.70 3.58 9.29
CA GLU A 101 13.37 4.22 8.02
C GLU A 101 12.26 5.24 8.16
N VAL A 102 11.39 5.06 9.13
CA VAL A 102 10.36 6.03 9.36
C VAL A 102 10.95 7.30 9.99
N ARG A 103 11.82 7.17 11.00
CA ARG A 103 12.48 8.37 11.54
C ARG A 103 13.41 9.06 10.57
N HIS A 104 14.08 8.29 9.72
CA HIS A 104 14.93 8.92 8.72
C HIS A 104 14.13 9.84 7.81
N HIS A 105 12.94 9.40 7.40
CA HIS A 105 12.18 10.12 6.38
C HIS A 105 11.19 11.07 6.97
N CYS A 106 10.69 10.75 8.14
CA CYS A 106 9.65 11.56 8.74
C CYS A 106 9.97 11.77 10.20
N PRO A 107 11.04 12.50 10.48
CA PRO A 107 11.55 12.56 11.85
C PRO A 107 10.59 13.11 12.92
N ASN A 108 9.64 13.95 12.55
CA ASN A 108 8.71 14.53 13.53
C ASN A 108 7.24 14.11 13.28
N THR A 109 7.05 12.85 12.87
CA THR A 109 5.72 12.34 12.60
C THR A 109 5.38 11.29 13.63
N PRO A 110 4.20 11.39 14.25
CA PRO A 110 3.88 10.46 15.33
C PRO A 110 3.66 9.02 14.84
N ILE A 111 4.08 8.07 15.65
CA ILE A 111 3.95 6.63 15.40
C ILE A 111 3.07 6.03 16.49
N ILE A 112 2.14 5.20 16.04
CA ILE A 112 1.48 4.24 16.93
C ILE A 112 2.09 2.89 16.67
N LEU A 113 2.45 2.19 17.72
CA LEU A 113 2.93 0.82 17.60
C LEU A 113 1.74 -0.09 17.80
N VAL A 114 1.45 -0.91 16.79
CA VAL A 114 0.29 -1.82 16.84
C VAL A 114 0.76 -3.27 16.85
N GLY A 115 0.35 -4.03 17.87
CA GLY A 115 0.47 -5.50 17.85
C GLY A 115 -0.82 -6.12 17.27
N THR A 116 -0.70 -6.85 16.13
CA THR A 116 -1.84 -7.52 15.49
C THR A 116 -1.86 -9.02 15.92
N LYS A 117 -2.95 -9.71 15.55
CA LYS A 117 -3.12 -11.13 15.83
C LYS A 117 -3.17 -11.47 17.33
N LEU A 118 -3.80 -10.55 18.07
CA LEU A 118 -4.07 -10.72 19.51
C LEU A 118 -4.85 -12.01 19.77
N ASP A 119 -5.79 -12.34 18.88
CA ASP A 119 -6.56 -13.57 19.00
C ASP A 119 -5.71 -14.85 18.98
N LEU A 120 -4.56 -14.82 18.32
CA LEU A 120 -3.63 -15.96 18.28
C LEU A 120 -2.64 -16.06 19.45
N ARG A 121 -2.55 -15.05 20.31
CA ARG A 121 -1.60 -15.11 21.41
C ARG A 121 -1.93 -16.22 22.43
N ASP A 122 -3.22 -16.56 22.54
CA ASP A 122 -3.71 -17.63 23.44
C ASP A 122 -4.10 -18.92 22.73
N ASP A 123 -3.69 -19.07 21.48
CA ASP A 123 -4.03 -20.23 20.69
C ASP A 123 -2.94 -21.30 20.89
N LYS A 124 -3.36 -22.49 21.35
CA LYS A 124 -2.45 -23.63 21.64
C LYS A 124 -1.56 -23.98 20.45
N ASP A 125 -2.20 -24.18 19.31
CA ASP A 125 -1.49 -24.57 18.10
C ASP A 125 -0.45 -23.53 17.67
N THR A 126 -0.81 -22.25 17.76
CA THR A 126 0.15 -21.16 17.51
C THR A 126 1.27 -21.13 18.58
N ILE A 127 0.85 -21.19 19.86
CA ILE A 127 1.79 -21.27 20.99
C ILE A 127 2.77 -22.43 20.82
N GLU A 128 2.24 -23.61 20.51
CA GLU A 128 3.03 -24.82 20.28
C GLU A 128 3.97 -24.66 19.10
N LYS A 129 3.46 -24.16 17.96
CA LYS A 129 4.30 -24.02 16.79
C LYS A 129 5.50 -23.14 17.15
N LEU A 130 5.28 -22.08 17.92
CA LEU A 130 6.38 -21.23 18.43
C LEU A 130 7.34 -21.92 19.44
N LYS A 131 6.80 -22.74 20.34
CA LYS A 131 7.60 -23.44 21.36
C LYS A 131 8.58 -24.40 20.71
N GLU A 132 8.18 -24.99 19.58
CA GLU A 132 9.05 -25.83 18.77
C GLU A 132 10.23 -25.10 18.13
N LYS A 133 10.14 -23.78 17.99
CA LYS A 133 11.26 -22.95 17.56
C LYS A 133 11.94 -22.23 18.75
N LYS A 134 11.82 -22.76 19.97
CA LYS A 134 12.24 -22.11 21.22
C LYS A 134 11.94 -20.59 21.25
N LEU A 135 10.65 -20.25 21.02
CA LEU A 135 10.11 -18.87 21.11
C LEU A 135 8.74 -18.85 21.81
N THR A 136 8.32 -17.66 22.27
CA THR A 136 6.95 -17.41 22.80
C THR A 136 6.33 -16.17 22.15
N PRO A 137 5.00 -16.02 22.29
CA PRO A 137 4.40 -14.81 21.75
C PRO A 137 4.91 -13.59 22.48
N ILE A 138 4.60 -12.42 21.94
CA ILE A 138 5.01 -11.16 22.49
C ILE A 138 3.90 -10.73 23.44
N THR A 139 4.32 -10.38 24.66
CA THR A 139 3.40 -9.99 25.74
C THR A 139 3.34 -8.48 25.87
N TYR A 140 2.33 -8.04 26.60
CA TYR A 140 2.06 -6.63 26.76
C TYR A 140 3.27 -5.77 27.13
N PRO A 141 3.97 -6.07 28.24
CA PRO A 141 5.13 -5.19 28.61
C PRO A 141 6.26 -5.16 27.59
N GLN A 142 6.34 -6.18 26.74
CA GLN A 142 7.26 -6.14 25.58
C GLN A 142 6.86 -5.01 24.57
N GLY A 143 5.57 -4.90 24.28
CA GLY A 143 5.06 -3.84 23.44
C GLY A 143 5.36 -2.47 24.04
N LEU A 144 4.94 -2.26 25.29
CA LEU A 144 5.22 -1.03 26.03
C LEU A 144 6.70 -0.65 25.98
N ALA A 145 7.57 -1.61 26.24
CA ALA A 145 9.00 -1.31 26.20
C ALA A 145 9.46 -0.90 24.79
N MET A 146 8.94 -1.55 23.75
CA MET A 146 9.29 -1.19 22.37
C MET A 146 8.76 0.20 21.99
N ALA A 147 7.51 0.45 22.35
CA ALA A 147 6.86 1.75 22.05
C ALA A 147 7.74 2.90 22.55
N LYS A 148 8.06 2.85 23.83
CA LYS A 148 9.02 3.75 24.47
C LYS A 148 10.31 3.89 23.69
N GLU A 149 11.03 2.80 23.51
CA GLU A 149 12.26 2.84 22.75
C GLU A 149 12.24 3.60 21.40
N ILE A 150 11.11 3.54 20.67
CA ILE A 150 11.00 4.18 19.32
C ILE A 150 10.29 5.53 19.40
N GLY A 151 9.80 5.90 20.59
CA GLY A 151 9.07 7.14 20.80
C GLY A 151 7.62 7.10 20.38
N ALA A 152 6.94 5.97 20.49
CA ALA A 152 5.57 5.90 20.03
C ALA A 152 4.66 6.58 20.98
N VAL A 153 3.63 7.21 20.44
CA VAL A 153 2.67 7.86 21.32
C VAL A 153 1.87 6.85 22.08
N LYS A 154 1.56 5.71 21.48
CA LYS A 154 0.83 4.64 22.16
C LYS A 154 1.33 3.29 21.72
N TYR A 155 1.15 2.29 22.58
CA TYR A 155 1.23 0.89 22.17
C TYR A 155 -0.20 0.39 22.28
N LEU A 156 -0.69 -0.24 21.21
CA LEU A 156 -2.05 -0.85 21.17
C LEU A 156 -2.01 -2.27 20.60
N GLU A 157 -2.92 -3.11 21.08
CA GLU A 157 -3.04 -4.48 20.62
C GLU A 157 -4.43 -4.64 19.99
N CYS A 158 -4.49 -5.34 18.86
CA CYS A 158 -5.75 -5.54 18.18
C CYS A 158 -5.82 -6.89 17.47
N SER A 159 -7.06 -7.34 17.21
CA SER A 159 -7.34 -8.46 16.33
C SER A 159 -8.30 -8.04 15.21
N ALA A 160 -7.86 -8.23 13.95
CA ALA A 160 -8.76 -8.16 12.80
C ALA A 160 -9.90 -9.20 12.83
N LEU A 161 -9.63 -10.37 13.41
CA LEU A 161 -10.57 -11.50 13.47
C LEU A 161 -11.77 -11.24 14.37
N THR A 162 -11.49 -10.85 15.60
CA THR A 162 -12.53 -10.58 16.62
C THR A 162 -12.98 -9.10 16.68
N GLN A 163 -12.21 -8.20 16.06
CA GLN A 163 -12.36 -6.71 16.13
C GLN A 163 -11.94 -6.05 17.46
N ARG A 164 -11.28 -6.81 18.33
CA ARG A 164 -10.87 -6.31 19.62
C ARG A 164 -9.72 -5.36 19.40
N GLY A 165 -9.90 -4.14 19.91
CA GLY A 165 -8.92 -3.07 19.79
C GLY A 165 -8.78 -2.40 18.45
N LEU A 166 -9.55 -2.84 17.46
CA LEU A 166 -9.31 -2.44 16.06
C LEU A 166 -9.79 -1.00 15.83
N LYS A 167 -11.03 -0.69 16.20
CA LYS A 167 -11.55 0.68 16.11
C LYS A 167 -10.66 1.64 16.92
N THR A 168 -10.22 1.23 18.11
CA THR A 168 -9.37 2.06 18.96
C THR A 168 -8.06 2.40 18.28
N VAL A 169 -7.39 1.43 17.65
CA VAL A 169 -6.16 1.73 16.88
C VAL A 169 -6.30 2.99 16.05
N PHE A 170 -7.41 3.08 15.33
CA PHE A 170 -7.55 4.12 14.33
C PHE A 170 -8.05 5.43 14.97
N ASP A 171 -8.92 5.35 15.96
CA ASP A 171 -9.19 6.50 16.84
C ASP A 171 -7.91 7.14 17.37
N GLU A 172 -7.04 6.34 17.95
CA GLU A 172 -5.81 6.90 18.50
C GLU A 172 -4.88 7.43 17.41
N ALA A 173 -4.87 6.82 16.22
CA ALA A 173 -4.11 7.37 15.09
C ALA A 173 -4.54 8.83 14.85
N ILE A 174 -5.85 9.04 14.94
CA ILE A 174 -6.46 10.34 14.69
C ILE A 174 -6.13 11.32 15.84
N ARG A 175 -6.27 10.86 17.08
CA ARG A 175 -6.00 11.69 18.24
C ARG A 175 -4.58 12.17 18.28
N ALA A 176 -3.66 11.34 17.83
CA ALA A 176 -2.24 11.72 17.77
C ALA A 176 -1.94 12.82 16.76
N VAL A 177 -2.88 13.17 15.89
CA VAL A 177 -2.71 14.27 14.92
C VAL A 177 -3.43 15.56 15.37
N LEU A 178 -4.56 15.42 16.07
CA LEU A 178 -5.32 16.58 16.57
C LEU A 178 -4.61 17.39 17.68
N ARG B 3 -11.42 -23.05 -6.08
CA ARG B 3 -12.08 -21.86 -5.41
C ARG B 3 -11.04 -20.79 -5.08
N LYS B 4 -10.00 -21.10 -4.33
CA LYS B 4 -8.98 -20.11 -4.04
C LYS B 4 -8.38 -19.50 -5.34
N LYS B 5 -8.00 -20.34 -6.28
CA LYS B 5 -7.50 -19.84 -7.59
C LYS B 5 -8.50 -18.91 -8.30
N GLU B 6 -9.78 -19.18 -8.16
CA GLU B 6 -10.83 -18.38 -8.78
C GLU B 6 -11.02 -17.01 -8.08
N PHE B 7 -10.95 -17.00 -6.73
CA PHE B 7 -11.06 -15.74 -5.96
C PHE B 7 -9.85 -14.88 -6.29
N ILE B 8 -8.67 -15.47 -6.38
CA ILE B 8 -7.48 -14.68 -6.75
C ILE B 8 -7.55 -14.06 -8.16
N MET B 9 -7.83 -14.87 -9.18
CA MET B 9 -8.01 -14.32 -10.54
C MET B 9 -9.07 -13.25 -10.56
N ALA B 10 -10.19 -13.47 -9.89
CA ALA B 10 -11.22 -12.45 -9.87
C ALA B 10 -10.73 -11.11 -9.26
N GLU B 11 -9.83 -11.18 -8.27
CA GLU B 11 -9.25 -9.97 -7.66
C GLU B 11 -8.26 -9.36 -8.63
N LEU B 12 -7.41 -10.19 -9.21
CA LEU B 12 -6.49 -9.71 -10.26
C LEU B 12 -7.21 -8.89 -11.30
N LEU B 13 -8.30 -9.42 -11.83
CA LEU B 13 -9.12 -8.70 -12.80
C LEU B 13 -9.82 -7.48 -12.24
N GLN B 14 -10.43 -7.59 -11.07
CA GLN B 14 -11.21 -6.46 -10.56
C GLN B 14 -10.27 -5.32 -10.20
N THR B 15 -9.13 -5.63 -9.61
CA THR B 15 -8.23 -4.55 -9.22
C THR B 15 -7.48 -3.93 -10.42
N GLU B 16 -7.37 -4.71 -11.50
CA GLU B 16 -6.86 -4.21 -12.74
C GLU B 16 -7.84 -3.21 -13.31
N LYS B 17 -9.13 -3.55 -13.35
CA LYS B 17 -10.09 -2.59 -13.89
C LYS B 17 -10.03 -1.28 -13.14
N ALA B 18 -10.08 -1.36 -11.82
CA ALA B 18 -9.99 -0.17 -10.96
C ALA B 18 -8.66 0.57 -11.14
N TYR B 19 -7.55 -0.12 -11.34
CA TYR B 19 -6.28 0.59 -11.60
C TYR B 19 -6.37 1.45 -12.85
N VAL B 20 -6.98 0.88 -13.90
CA VAL B 20 -7.10 1.58 -15.17
C VAL B 20 -7.98 2.80 -14.98
N ARG B 21 -9.15 2.60 -14.34
CA ARG B 21 -10.04 3.67 -13.90
C ARG B 21 -9.30 4.76 -13.14
N ASP B 22 -8.54 4.37 -12.13
CA ASP B 22 -7.80 5.36 -11.32
C ASP B 22 -6.78 6.14 -12.16
N LEU B 23 -5.99 5.49 -13.01
CA LEU B 23 -5.08 6.25 -13.85
C LEU B 23 -5.84 7.17 -14.81
N HIS B 24 -6.91 6.65 -15.40
CA HIS B 24 -7.74 7.45 -16.29
C HIS B 24 -8.25 8.71 -15.62
N GLU B 25 -8.79 8.56 -14.42
CA GLU B 25 -9.22 9.70 -13.62
C GLU B 25 -8.09 10.70 -13.45
N CYS B 26 -6.97 10.21 -13.00
CA CYS B 26 -5.82 11.07 -12.79
C CYS B 26 -5.46 11.90 -14.03
N LEU B 27 -5.53 11.28 -15.22
CA LEU B 27 -5.11 11.97 -16.44
C LEU B 27 -6.14 13.02 -16.85
N GLU B 28 -7.42 12.70 -16.74
CA GLU B 28 -8.45 13.59 -17.21
C GLU B 28 -8.96 14.50 -16.09
N THR B 29 -8.20 14.62 -15.00
CA THR B 29 -8.44 15.69 -14.04
C THR B 29 -7.11 16.36 -13.78
N TYR B 30 -6.34 15.87 -12.83
CA TYR B 30 -5.12 16.58 -12.48
C TYR B 30 -4.26 16.96 -13.69
N LEU B 31 -4.08 16.06 -14.67
CA LEU B 31 -3.27 16.38 -15.86
C LEU B 31 -4.04 17.26 -16.84
N TRP B 32 -5.31 16.94 -17.09
CA TRP B 32 -6.05 17.68 -18.07
C TRP B 32 -6.21 19.17 -17.67
N GLU B 33 -6.33 19.49 -16.38
CA GLU B 33 -6.41 20.90 -15.98
C GLU B 33 -5.19 21.65 -16.48
N MET B 34 -4.00 21.13 -16.17
CA MET B 34 -2.73 21.72 -16.60
C MET B 34 -2.52 21.84 -18.11
N THR B 35 -2.85 20.78 -18.85
CA THR B 35 -2.62 20.80 -20.27
C THR B 35 -3.72 21.58 -20.99
N SER B 36 -4.93 21.58 -20.43
CA SER B 36 -6.03 22.30 -21.05
C SER B 36 -5.63 23.73 -21.31
N GLY B 37 -5.44 24.49 -20.23
CA GLY B 37 -5.43 25.96 -20.28
C GLY B 37 -6.84 26.46 -20.00
N VAL B 38 -7.35 26.13 -18.83
CA VAL B 38 -8.68 26.59 -18.35
C VAL B 38 -8.56 27.24 -16.95
N GLU B 39 -7.33 27.45 -16.45
CA GLU B 39 -7.10 27.80 -15.05
C GLU B 39 -5.69 28.34 -14.84
N GLU B 40 -5.48 29.04 -13.71
CA GLU B 40 -4.20 29.69 -13.37
C GLU B 40 -3.11 28.73 -12.88
N ILE B 41 -2.05 28.57 -13.67
CA ILE B 41 -0.99 27.59 -13.43
C ILE B 41 0.24 28.24 -12.77
N PRO B 42 0.53 27.90 -11.50
CA PRO B 42 1.75 28.41 -10.88
C PRO B 42 3.00 28.32 -11.77
N PRO B 43 3.77 29.41 -11.85
CA PRO B 43 4.95 29.37 -12.72
C PRO B 43 5.95 28.30 -12.35
N GLY B 44 6.03 27.95 -11.06
CA GLY B 44 6.91 26.91 -10.57
C GLY B 44 6.71 25.50 -11.13
N ILE B 45 5.48 25.19 -11.58
CA ILE B 45 5.13 23.89 -12.23
C ILE B 45 4.85 23.93 -13.74
N LEU B 46 4.56 25.13 -14.25
CA LEU B 46 4.29 25.40 -15.68
C LEU B 46 5.17 24.60 -16.64
N ASN B 47 4.54 23.92 -17.60
CA ASN B 47 5.25 23.13 -18.61
C ASN B 47 6.16 22.04 -18.03
N LYS B 48 5.97 21.68 -16.75
CA LYS B 48 6.73 20.59 -16.09
C LYS B 48 5.82 19.37 -15.80
N GLU B 49 4.72 19.25 -16.56
CA GLU B 49 3.79 18.13 -16.42
C GLU B 49 4.47 16.79 -16.71
N HIS B 50 5.52 16.78 -17.51
CA HIS B 50 6.37 15.59 -17.67
C HIS B 50 7.09 15.16 -16.40
N ILE B 51 7.39 16.11 -15.52
CA ILE B 51 8.06 15.78 -14.26
C ILE B 51 6.99 15.33 -13.30
N ILE B 52 5.90 16.09 -13.20
CA ILE B 52 4.83 15.77 -12.26
C ILE B 52 4.31 14.35 -12.46
N PHE B 53 3.81 14.09 -13.66
CA PHE B 53 3.17 12.83 -13.96
C PHE B 53 4.09 11.77 -14.48
N GLY B 54 5.36 12.09 -14.76
CA GLY B 54 6.31 11.09 -15.30
C GLY B 54 5.82 10.46 -16.62
N ASN B 55 5.94 9.13 -16.75
CA ASN B 55 5.38 8.41 -17.91
C ASN B 55 4.03 7.75 -17.65
N ILE B 56 3.18 8.36 -16.81
CA ILE B 56 1.94 7.70 -16.39
C ILE B 56 0.92 7.52 -17.51
N GLN B 57 0.98 8.39 -18.52
CA GLN B 57 0.19 8.24 -19.73
C GLN B 57 0.49 6.92 -20.40
N GLU B 58 1.77 6.60 -20.55
CA GLU B 58 2.20 5.43 -21.32
C GLU B 58 1.84 4.12 -20.58
N ILE B 59 2.00 4.16 -19.27
CA ILE B 59 1.59 3.08 -18.38
C ILE B 59 0.08 2.88 -18.48
N TYR B 60 -0.67 3.97 -18.54
CA TYR B 60 -2.11 3.87 -18.69
C TYR B 60 -2.44 3.25 -20.06
N ASP B 61 -1.73 3.68 -21.08
CA ASP B 61 -2.07 3.19 -22.42
C ASP B 61 -1.82 1.69 -22.49
N PHE B 62 -0.76 1.24 -21.84
CA PHE B 62 -0.43 -0.18 -21.77
C PHE B 62 -1.56 -1.01 -21.18
N HIS B 63 -2.01 -0.58 -20.02
CA HIS B 63 -3.00 -1.30 -19.27
C HIS B 63 -4.36 -1.25 -19.92
N ASN B 64 -4.67 -0.11 -20.51
CA ASN B 64 -5.98 0.16 -21.09
C ASN B 64 -6.09 -0.41 -22.49
N ASN B 65 -5.00 -0.42 -23.26
CA ASN B 65 -5.06 -0.90 -24.66
C ASN B 65 -4.78 -2.38 -24.76
N ILE B 66 -3.89 -2.88 -23.93
CA ILE B 66 -3.43 -4.26 -24.00
C ILE B 66 -3.71 -5.11 -22.74
N PHE B 67 -3.11 -4.71 -21.62
CA PHE B 67 -2.83 -5.65 -20.56
C PHE B 67 -4.09 -6.11 -19.87
N LEU B 68 -5.05 -5.20 -19.70
CA LEU B 68 -6.35 -5.61 -19.17
C LEU B 68 -7.09 -6.47 -20.17
N LYS B 69 -6.98 -6.23 -21.48
CA LYS B 69 -7.67 -7.11 -22.48
C LYS B 69 -7.09 -8.53 -22.43
N GLU B 70 -5.79 -8.65 -22.16
CA GLU B 70 -5.16 -9.95 -22.19
C GLU B 70 -5.38 -10.74 -20.91
N LEU B 71 -5.31 -10.08 -19.74
CA LEU B 71 -5.69 -10.71 -18.48
C LEU B 71 -7.12 -11.24 -18.58
N GLU B 72 -8.02 -10.47 -19.13
CA GLU B 72 -9.40 -10.95 -19.22
C GLU B 72 -9.46 -12.29 -19.91
N LYS B 73 -8.60 -12.50 -20.91
CA LYS B 73 -8.57 -13.76 -21.64
C LYS B 73 -8.06 -14.95 -20.84
N TYR B 74 -7.35 -14.68 -19.74
CA TYR B 74 -6.93 -15.70 -18.79
C TYR B 74 -7.90 -15.90 -17.63
N GLU B 75 -9.16 -15.48 -17.74
CA GLU B 75 -10.04 -15.48 -16.58
C GLU B 75 -10.30 -16.89 -16.14
N GLN B 76 -10.58 -17.76 -17.11
CA GLN B 76 -10.84 -19.16 -16.83
C GLN B 76 -9.53 -20.02 -16.91
N LEU B 77 -8.38 -19.38 -16.89
CA LEU B 77 -7.13 -20.07 -17.01
C LEU B 77 -6.17 -19.63 -15.95
N PRO B 78 -6.62 -19.53 -14.70
CA PRO B 78 -5.72 -18.89 -13.72
C PRO B 78 -4.33 -19.49 -13.62
N GLU B 79 -4.22 -20.79 -13.75
CA GLU B 79 -2.93 -21.48 -13.63
C GLU B 79 -1.89 -21.16 -14.73
N ASP B 80 -2.34 -20.48 -15.79
CA ASP B 80 -1.49 -20.06 -16.91
C ASP B 80 -1.22 -18.57 -16.90
N VAL B 81 -1.80 -17.81 -15.97
CA VAL B 81 -1.71 -16.36 -16.10
C VAL B 81 -0.32 -15.80 -15.96
N GLY B 82 0.61 -16.56 -15.44
CA GLY B 82 1.99 -16.16 -15.41
C GLY B 82 2.54 -15.86 -16.78
N HIS B 83 2.01 -16.56 -17.78
CA HIS B 83 2.43 -16.39 -19.15
C HIS B 83 2.16 -14.97 -19.60
N CYS B 84 1.01 -14.43 -19.22
CA CYS B 84 0.65 -13.04 -19.51
C CYS B 84 1.74 -12.06 -19.14
N PHE B 85 2.34 -12.24 -17.98
CA PHE B 85 3.40 -11.34 -17.56
C PHE B 85 4.72 -11.55 -18.34
N VAL B 86 4.99 -12.79 -18.77
CA VAL B 86 6.14 -13.05 -19.61
C VAL B 86 5.97 -12.42 -20.97
N THR B 87 4.80 -12.64 -21.55
CA THR B 87 4.48 -12.06 -22.84
C THR B 87 4.75 -10.52 -22.83
N TRP B 88 4.32 -9.83 -21.78
CA TRP B 88 4.38 -8.37 -21.76
C TRP B 88 5.49 -7.79 -20.87
N ALA B 89 6.47 -8.60 -20.55
CA ALA B 89 7.52 -8.20 -19.65
C ALA B 89 8.16 -6.87 -20.00
N ASP B 90 8.48 -6.63 -21.26
CA ASP B 90 9.20 -5.38 -21.62
C ASP B 90 8.41 -4.11 -21.33
N LYS B 91 7.09 -4.21 -21.41
CA LYS B 91 6.20 -3.10 -21.12
C LYS B 91 6.27 -2.66 -19.68
N PHE B 92 6.52 -3.59 -18.76
CA PHE B 92 6.63 -3.21 -17.36
C PHE B 92 7.93 -2.48 -17.04
N GLN B 93 8.87 -2.46 -17.98
CA GLN B 93 10.09 -1.65 -17.79
C GLN B 93 9.76 -0.17 -17.59
N MET B 94 8.63 0.29 -18.12
CA MET B 94 8.22 1.67 -17.87
C MET B 94 7.87 1.97 -16.40
N TYR B 95 7.83 0.98 -15.54
CA TYR B 95 7.64 1.27 -14.14
C TYR B 95 8.96 1.67 -13.53
N VAL B 96 10.06 1.18 -14.09
CA VAL B 96 11.38 1.67 -13.69
C VAL B 96 11.50 3.19 -13.90
N THR B 97 11.20 3.63 -15.10
CA THR B 97 11.17 5.07 -15.41
C THR B 97 10.29 5.89 -14.46
N TYR B 98 9.14 5.32 -14.11
CA TYR B 98 8.11 6.07 -13.35
C TYR B 98 8.56 6.32 -11.93
N CYS B 99 9.10 5.25 -11.32
CA CYS B 99 9.62 5.26 -9.97
C CYS B 99 10.87 6.08 -9.83
N LYS B 100 11.76 6.04 -10.83
CA LYS B 100 12.94 6.93 -10.85
C LYS B 100 12.54 8.39 -10.70
N ASN B 101 11.41 8.75 -11.31
CA ASN B 101 10.95 10.13 -11.37
C ASN B 101 10.06 10.57 -10.22
N LYS B 102 9.52 9.63 -9.46
CA LYS B 102 8.53 9.95 -8.40
C LYS B 102 9.04 10.92 -7.31
N PRO B 103 10.29 10.74 -6.83
CA PRO B 103 10.78 11.76 -5.86
C PRO B 103 10.83 13.19 -6.43
N ASP B 104 11.30 13.31 -7.68
CA ASP B 104 11.32 14.61 -8.37
C ASP B 104 9.91 15.14 -8.52
N SER B 105 8.94 14.26 -8.75
CA SER B 105 7.55 14.67 -8.83
C SER B 105 7.03 15.13 -7.48
N ASN B 106 7.44 14.46 -6.40
CA ASN B 106 6.91 14.85 -5.09
C ASN B 106 7.47 16.21 -4.70
N GLN B 107 8.79 16.36 -4.79
CA GLN B 107 9.48 17.63 -4.49
C GLN B 107 8.81 18.81 -5.23
N LEU B 108 8.71 18.67 -6.54
CA LEU B 108 8.03 19.63 -7.39
C LEU B 108 6.66 20.05 -6.84
N ILE B 109 5.81 19.08 -6.52
CA ILE B 109 4.45 19.42 -6.04
C ILE B 109 4.51 20.10 -4.70
N LEU B 110 5.47 19.70 -3.87
CA LEU B 110 5.60 20.29 -2.55
C LEU B 110 5.94 21.78 -2.70
N GLU B 111 7.09 22.03 -3.33
CA GLU B 111 7.75 23.33 -3.31
C GLU B 111 7.17 24.39 -4.24
N HIS B 112 6.45 23.99 -5.29
CA HIS B 112 6.11 24.92 -6.40
C HIS B 112 4.65 24.95 -6.89
N ALA B 113 3.76 24.14 -6.31
CA ALA B 113 2.39 24.00 -6.79
C ALA B 113 1.30 24.49 -5.84
N GLY B 114 1.69 24.82 -4.60
CA GLY B 114 0.77 25.39 -3.62
C GLY B 114 -0.47 24.54 -3.52
N THR B 115 -1.65 25.16 -3.58
CA THR B 115 -2.90 24.40 -3.53
C THR B 115 -3.45 24.27 -4.92
N PHE B 116 -2.60 24.29 -5.94
CA PHE B 116 -3.16 24.22 -7.28
C PHE B 116 -4.03 22.96 -7.38
N PHE B 117 -3.39 21.82 -7.06
CA PHE B 117 -4.04 20.50 -7.17
C PHE B 117 -5.05 20.20 -6.10
N ASP B 118 -4.77 20.68 -4.88
CA ASP B 118 -5.82 20.70 -3.84
C ASP B 118 -7.09 21.40 -4.35
N GLU B 119 -6.94 22.60 -4.93
CA GLU B 119 -8.06 23.33 -5.53
C GLU B 119 -8.82 22.45 -6.55
N ILE B 120 -8.10 21.74 -7.43
CA ILE B 120 -8.73 20.84 -8.43
C ILE B 120 -9.48 19.62 -7.82
N GLN B 121 -8.83 18.99 -6.85
CA GLN B 121 -9.47 17.96 -6.08
C GLN B 121 -10.82 18.39 -5.51
N GLN B 122 -10.82 19.55 -4.82
CA GLN B 122 -12.03 20.06 -4.18
C GLN B 122 -13.09 20.27 -5.25
N ARG B 123 -12.70 21.04 -6.27
CA ARG B 123 -13.57 21.32 -7.42
C ARG B 123 -14.20 20.03 -7.92
N HIS B 124 -13.38 19.06 -8.34
CA HIS B 124 -13.90 17.82 -8.97
C HIS B 124 -14.55 16.81 -7.97
N GLY B 125 -14.29 16.97 -6.67
CA GLY B 125 -14.91 16.14 -5.63
C GLY B 125 -14.25 14.79 -5.51
N LEU B 126 -12.92 14.77 -5.59
CA LEU B 126 -12.18 13.54 -5.58
C LEU B 126 -11.75 13.24 -4.16
N ALA B 127 -12.08 12.01 -3.75
CA ALA B 127 -11.49 11.38 -2.56
C ALA B 127 -9.94 11.30 -2.58
N ASN B 128 -9.35 11.05 -3.75
CA ASN B 128 -7.93 10.85 -3.83
C ASN B 128 -7.19 12.10 -4.24
N SER B 129 -6.16 12.44 -3.48
CA SER B 129 -5.34 13.58 -3.77
C SER B 129 -4.59 13.24 -5.01
N ILE B 130 -3.98 14.23 -5.65
CA ILE B 130 -3.03 13.88 -6.70
C ILE B 130 -1.93 12.96 -6.15
N SER B 131 -1.46 13.17 -4.92
CA SER B 131 -0.42 12.28 -4.36
C SER B 131 -0.89 10.80 -4.20
N SER B 132 -2.15 10.63 -3.84
CA SER B 132 -2.77 9.32 -3.78
C SER B 132 -2.74 8.62 -5.15
N TYR B 133 -3.15 9.35 -6.17
CA TYR B 133 -3.14 8.78 -7.50
C TYR B 133 -1.74 8.45 -7.94
N LEU B 134 -0.78 9.28 -7.56
CA LEU B 134 0.55 9.14 -8.14
C LEU B 134 1.43 8.07 -7.49
N ILE B 135 1.03 7.60 -6.30
CA ILE B 135 1.67 6.42 -5.70
C ILE B 135 1.15 5.12 -6.35
N LYS B 136 -0.04 5.16 -6.94
CA LYS B 136 -0.68 3.94 -7.45
C LYS B 136 0.17 3.03 -8.36
N PRO B 137 0.85 3.61 -9.36
CA PRO B 137 1.75 2.74 -10.14
C PRO B 137 2.81 2.00 -9.33
N VAL B 138 3.33 2.64 -8.31
CA VAL B 138 4.30 2.02 -7.40
C VAL B 138 3.63 0.89 -6.63
N GLN B 139 2.43 1.16 -6.16
CA GLN B 139 1.68 0.16 -5.45
C GLN B 139 1.40 -0.99 -6.39
N ARG B 140 0.81 -0.71 -7.54
CA ARG B 140 0.36 -1.78 -8.43
C ARG B 140 1.47 -2.73 -8.83
N VAL B 141 2.68 -2.20 -9.03
CA VAL B 141 3.77 -2.99 -9.60
C VAL B 141 4.42 -3.90 -8.60
N THR B 142 4.18 -3.61 -7.31
CA THR B 142 4.62 -4.48 -6.24
C THR B 142 3.54 -5.44 -5.86
N LYS B 143 2.32 -5.15 -6.27
CA LYS B 143 1.16 -5.93 -5.93
C LYS B 143 0.98 -7.17 -6.78
N TYR B 144 1.42 -7.14 -8.03
CA TYR B 144 1.26 -8.30 -8.92
C TYR B 144 1.98 -9.54 -8.37
N GLN B 145 3.17 -9.36 -7.83
CA GLN B 145 3.91 -10.51 -7.28
C GLN B 145 3.22 -11.14 -6.05
N LEU B 146 2.48 -10.35 -5.28
CA LEU B 146 1.59 -10.92 -4.25
C LEU B 146 0.55 -11.86 -4.84
N LEU B 147 -0.14 -11.40 -5.88
CA LEU B 147 -1.21 -12.20 -6.51
C LEU B 147 -0.70 -13.47 -7.15
N LEU B 148 0.53 -13.45 -7.67
CA LEU B 148 1.14 -14.65 -8.26
C LEU B 148 1.55 -15.69 -7.19
N LYS B 149 2.23 -15.20 -6.15
CA LYS B 149 2.46 -16.04 -4.94
C LYS B 149 1.19 -16.70 -4.42
N GLU B 150 0.14 -15.93 -4.26
CA GLU B 150 -1.10 -16.58 -3.90
C GLU B 150 -1.52 -17.72 -4.83
N LEU B 151 -1.38 -17.52 -6.15
CA LEU B 151 -1.69 -18.59 -7.11
C LEU B 151 -0.77 -19.80 -6.99
N LEU B 152 0.50 -19.56 -6.71
CA LEU B 152 1.40 -20.67 -6.44
C LEU B 152 0.96 -21.54 -5.27
N THR B 153 0.41 -20.95 -4.22
CA THR B 153 -0.05 -21.80 -3.08
C THR B 153 -1.23 -22.71 -3.38
N CYS B 154 -1.84 -22.60 -4.56
CA CYS B 154 -3.02 -23.38 -4.87
C CYS B 154 -3.11 -23.89 -6.33
N CYS B 155 -1.96 -23.95 -7.02
CA CYS B 155 -1.91 -24.52 -8.39
C CYS B 155 -0.84 -25.62 -8.42
N GLU B 156 -1.20 -26.74 -9.05
CA GLU B 156 -0.43 -28.00 -9.01
C GLU B 156 0.88 -27.99 -9.84
N GLU B 157 1.26 -29.14 -10.38
CA GLU B 157 2.44 -29.28 -11.26
C GLU B 157 2.33 -28.57 -12.65
N GLY B 158 1.15 -28.01 -12.98
CA GLY B 158 1.04 -26.93 -13.97
C GLY B 158 1.28 -25.61 -13.25
N LYS B 159 2.56 -25.39 -12.89
CA LYS B 159 3.01 -24.21 -12.13
C LYS B 159 4.44 -23.71 -12.48
N GLY B 160 4.88 -23.93 -13.72
CA GLY B 160 5.95 -23.12 -14.34
C GLY B 160 5.33 -21.93 -15.07
N GLU B 161 4.09 -22.12 -15.55
CA GLU B 161 3.21 -21.03 -15.97
C GLU B 161 2.75 -20.07 -14.83
N LEU B 162 3.48 -20.06 -13.71
CA LEU B 162 3.38 -19.04 -12.69
C LEU B 162 4.77 -18.63 -12.25
N LYS B 163 5.62 -19.60 -11.91
CA LYS B 163 7.02 -19.33 -11.50
C LYS B 163 7.77 -18.32 -12.38
N ASP B 164 7.60 -18.44 -13.69
CA ASP B 164 8.26 -17.52 -14.64
C ASP B 164 7.56 -16.15 -14.72
N GLY B 165 6.24 -16.18 -14.59
CA GLY B 165 5.47 -14.96 -14.44
C GLY B 165 5.96 -14.19 -13.24
N LEU B 166 6.12 -14.91 -12.14
CA LEU B 166 6.52 -14.32 -10.86
C LEU B 166 7.93 -13.78 -10.91
N GLU B 167 8.84 -14.60 -11.45
CA GLU B 167 10.23 -14.20 -11.67
C GLU B 167 10.29 -12.83 -12.31
N VAL B 168 9.47 -12.63 -13.34
CA VAL B 168 9.38 -11.34 -14.06
C VAL B 168 8.88 -10.23 -13.16
N MET B 169 7.83 -10.53 -12.38
CA MET B 169 7.17 -9.53 -11.55
C MET B 169 7.81 -9.33 -10.19
N LEU B 170 8.80 -10.15 -9.90
CA LEU B 170 9.74 -9.86 -8.84
C LEU B 170 10.83 -8.98 -9.35
N SER B 171 11.24 -9.23 -10.61
CA SER B 171 12.38 -8.53 -11.22
C SER B 171 12.13 -7.04 -11.58
N VAL B 172 10.92 -6.73 -12.08
CA VAL B 172 10.55 -5.36 -12.45
C VAL B 172 10.67 -4.40 -11.24
N PRO B 173 9.98 -4.71 -10.11
CA PRO B 173 10.13 -3.86 -8.91
C PRO B 173 11.54 -3.80 -8.32
N LYS B 174 12.27 -4.90 -8.28
CA LYS B 174 13.70 -4.83 -7.85
C LYS B 174 14.50 -3.89 -8.75
N LYS B 175 14.29 -3.97 -10.06
CA LYS B 175 14.99 -3.08 -11.00
C LYS B 175 14.59 -1.62 -10.78
N ALA B 176 13.30 -1.37 -10.53
CA ALA B 176 12.84 -0.02 -10.13
C ALA B 176 13.51 0.42 -8.80
N ASN B 177 13.49 -0.49 -7.82
CA ASN B 177 14.11 -0.24 -6.54
C ASN B 177 15.60 0.06 -6.68
N ASP B 178 16.28 -0.71 -7.53
CA ASP B 178 17.73 -0.61 -7.68
C ASP B 178 18.15 0.62 -8.45
N ALA B 179 17.19 1.38 -9.02
CA ALA B 179 17.47 2.55 -9.86
C ALA B 179 17.35 3.94 -9.18
N MET B 180 17.14 3.96 -7.86
CA MET B 180 16.84 5.21 -7.14
C MET B 180 18.14 5.80 -6.55
N HIS B 181 18.24 7.13 -6.41
CA HIS B 181 19.52 7.84 -6.01
C HIS B 181 19.78 7.91 -4.51
#